data_2WLE
#
_entry.id   2WLE
#
_cell.length_a   79.074
_cell.length_b   94.523
_cell.length_c   100.886
_cell.angle_alpha   90.00
_cell.angle_beta   90.00
_cell.angle_gamma   90.00
#
_symmetry.space_group_name_H-M   'P 2 2 2'
#
loop_
_entity.id
_entity.type
_entity.pdbx_description
1 polymer 'POLYSIALIC ACID O-ACETYLTRANSFERASE'
2 non-polymer 'COENZYME A'
3 non-polymer 1,2-ETHANEDIOL
4 non-polymer 'ACETATE ION'
5 water water
#
_entity_poly.entity_id   1
_entity_poly.type   'polypeptide(L)'
_entity_poly.pdbx_seq_one_letter_code
;MGTHMYSEQGINNTINISTTSLTNATQLTVIGNNNSVYIGNNCKIVSSNIRLKGNNITLFIADDVEIMGLVCSLHSDCSL
QIQAKTTMGNGEITIAEKGKISIGKDCMLAHGYEIRNTDMHPIYSLENGERINHGKDVIIGNHVWLGRNVTILKGVCIPN
NVVVGSHTVLYKSFKEPNCVIAGSPAKIVKENIVWGRKMYHSTMYDDPTLNEFYK
;
_entity_poly.pdbx_strand_id   A,B,C
#
# COMPACT_ATOMS: atom_id res chain seq x y z
N TYR A 6 12.54 22.30 -16.67
CA TYR A 6 11.09 22.13 -16.37
C TYR A 6 10.24 22.36 -17.60
N SER A 7 8.94 22.49 -17.39
CA SER A 7 7.99 22.77 -18.45
C SER A 7 6.97 23.77 -17.92
N GLU A 8 7.12 25.02 -18.32
CA GLU A 8 6.35 26.13 -17.76
C GLU A 8 5.53 26.84 -18.82
N GLN A 9 4.23 26.94 -18.61
CA GLN A 9 3.33 27.55 -19.59
C GLN A 9 2.30 28.46 -18.92
N GLY A 10 2.25 29.71 -19.36
CA GLY A 10 1.30 30.67 -18.81
C GLY A 10 1.92 32.02 -18.58
N ILE A 11 1.22 32.87 -17.83
CA ILE A 11 1.69 34.23 -17.60
C ILE A 11 2.24 34.44 -16.19
N ASN A 12 3.44 35.02 -16.16
CA ASN A 12 4.08 35.51 -14.95
C ASN A 12 4.30 34.45 -13.89
N ASN A 13 4.83 33.33 -14.32
CA ASN A 13 5.33 32.32 -13.43
C ASN A 13 6.78 32.62 -13.05
N THR A 14 7.10 32.50 -11.77
CA THR A 14 8.45 32.73 -11.29
C THR A 14 9.04 31.45 -10.71
N ILE A 15 10.11 30.99 -11.32
CA ILE A 15 10.77 29.77 -10.89
C ILE A 15 12.22 30.07 -10.48
N ASN A 16 12.51 29.93 -9.19
CA ASN A 16 13.84 30.17 -8.68
C ASN A 16 14.39 28.94 -7.96
N ILE A 17 15.24 28.21 -8.66
CA ILE A 17 15.84 27.00 -8.15
C ILE A 17 17.33 27.27 -8.02
N SER A 18 17.86 27.17 -6.81
CA SER A 18 19.27 27.48 -6.59
C SER A 18 20.16 26.64 -7.49
N THR A 19 21.17 27.29 -8.06
CA THR A 19 22.16 26.62 -8.92
C THR A 19 22.98 25.56 -8.18
N THR A 20 22.91 25.56 -6.85
CA THR A 20 23.60 24.57 -6.04
C THR A 20 22.71 23.37 -5.75
N SER A 21 21.52 23.35 -6.35
CA SER A 21 20.61 22.25 -6.11
C SER A 21 20.52 21.29 -7.28
N LEU A 22 20.36 20.01 -6.96
CA LEU A 22 20.26 18.95 -7.96
C LEU A 22 18.78 18.62 -8.21
N THR A 23 18.39 18.49 -9.48
CA THR A 23 17.02 18.11 -9.84
C THR A 23 16.98 16.91 -10.79
N ASN A 24 18.01 16.08 -10.77
CA ASN A 24 18.09 14.90 -11.63
C ASN A 24 16.82 14.07 -11.76
N ALA A 25 16.38 13.83 -13.01
CA ALA A 25 15.23 12.97 -13.31
C ALA A 25 13.91 13.51 -12.76
N THR A 26 13.88 14.80 -12.45
CA THR A 26 12.66 15.37 -11.92
C THR A 26 11.88 16.16 -12.97
N GLN A 27 10.59 15.86 -13.04
CA GLN A 27 9.69 16.60 -13.90
C GLN A 27 8.97 17.64 -13.04
N LEU A 28 9.18 18.90 -13.37
CA LEU A 28 8.45 20.01 -12.74
C LEU A 28 7.60 20.66 -13.82
N THR A 29 6.29 20.61 -13.63
CA THR A 29 5.37 21.09 -14.64
C THR A 29 4.52 22.20 -14.03
N VAL A 30 4.51 23.35 -14.69
CA VAL A 30 3.73 24.47 -14.22
C VAL A 30 2.81 24.95 -15.33
N ILE A 31 1.51 24.81 -15.13
CA ILE A 31 0.50 25.22 -16.12
C ILE A 31 -0.57 26.14 -15.54
N GLY A 32 -0.49 27.42 -15.88
CA GLY A 32 -1.37 28.44 -15.30
C GLY A 32 -0.61 29.73 -15.15
N ASN A 33 -1.13 30.65 -14.35
CA ASN A 33 -0.56 32.01 -14.21
C ASN A 33 -0.19 32.38 -12.78
N ASN A 34 0.78 33.27 -12.64
CA ASN A 34 1.12 33.83 -11.35
CA ASN A 34 1.18 33.83 -11.33
C ASN A 34 1.54 32.75 -10.32
N ASN A 35 2.18 31.69 -10.79
CA ASN A 35 2.69 30.67 -9.88
C ASN A 35 4.15 30.95 -9.50
N SER A 36 4.57 30.50 -8.33
CA SER A 36 5.94 30.72 -7.91
CA SER A 36 5.93 30.74 -7.85
C SER A 36 6.53 29.48 -7.25
N VAL A 37 7.76 29.18 -7.63
CA VAL A 37 8.49 28.03 -7.10
C VAL A 37 9.82 28.57 -6.60
N TYR A 38 10.10 28.31 -5.32
CA TYR A 38 11.39 28.59 -4.74
C TYR A 38 12.00 27.30 -4.19
N ILE A 39 13.19 26.97 -4.68
CA ILE A 39 13.94 25.86 -4.10
C ILE A 39 15.30 26.39 -3.66
N GLY A 40 15.64 26.17 -2.40
CA GLY A 40 16.85 26.75 -1.83
C GLY A 40 18.10 25.98 -2.14
N ASN A 41 19.12 26.16 -1.29
CA ASN A 41 20.47 25.73 -1.61
C ASN A 41 20.74 24.29 -1.19
N ASN A 42 21.58 23.62 -1.97
CA ASN A 42 22.07 22.31 -1.61
C ASN A 42 20.93 21.32 -1.41
N CYS A 43 19.90 21.45 -2.24
CA CYS A 43 18.82 20.48 -2.25
C CYS A 43 19.10 19.38 -3.28
N LYS A 44 18.51 18.21 -3.04
CA LYS A 44 18.51 17.12 -4.00
C LYS A 44 17.06 16.71 -4.22
N ILE A 45 16.50 17.13 -5.33
CA ILE A 45 15.13 16.81 -5.66
C ILE A 45 15.14 15.95 -6.90
N VAL A 46 15.17 14.64 -6.69
CA VAL A 46 15.38 13.69 -7.77
C VAL A 46 14.20 12.77 -8.05
N SER A 47 14.10 12.38 -9.31
CA SER A 47 13.14 11.37 -9.74
C SER A 47 11.75 11.68 -9.24
N SER A 48 11.45 12.97 -9.13
CA SER A 48 10.15 13.41 -8.63
C SER A 48 9.28 13.95 -9.78
N ASN A 49 7.98 14.05 -9.52
CA ASN A 49 7.04 14.58 -10.49
C ASN A 49 6.14 15.58 -9.80
N ILE A 50 6.45 16.85 -10.01
CA ILE A 50 5.81 17.95 -9.34
C ILE A 50 4.98 18.76 -10.32
N ARG A 51 3.67 18.77 -10.09
CA ARG A 51 2.75 19.44 -10.98
C ARG A 51 2.00 20.56 -10.27
N LEU A 52 2.14 21.77 -10.79
CA LEU A 52 1.32 22.90 -10.41
C LEU A 52 0.40 23.23 -11.55
N LYS A 53 -0.88 22.96 -11.38
CA LYS A 53 -1.89 23.21 -12.40
C LYS A 53 -2.90 24.17 -11.82
N GLY A 54 -2.90 25.41 -12.32
CA GLY A 54 -3.80 26.44 -11.81
C GLY A 54 -3.07 27.76 -11.75
N ASN A 55 -3.60 28.68 -10.94
CA ASN A 55 -3.06 30.01 -10.80
C ASN A 55 -2.74 30.34 -9.35
N ASN A 56 -1.75 31.21 -9.18
CA ASN A 56 -1.43 31.75 -7.86
C ASN A 56 -1.05 30.64 -6.88
N ILE A 57 -0.32 29.66 -7.38
CA ILE A 57 0.18 28.54 -6.57
C ILE A 57 1.59 28.83 -6.09
N THR A 58 1.91 28.42 -4.86
CA THR A 58 3.27 28.58 -4.36
C THR A 58 3.85 27.26 -3.85
N LEU A 59 5.11 27.06 -4.21
CA LEU A 59 5.91 25.95 -3.70
C LEU A 59 7.20 26.54 -3.16
N PHE A 60 7.44 26.28 -1.90
CA PHE A 60 8.62 26.78 -1.24
C PHE A 60 9.32 25.60 -0.59
N ILE A 61 10.54 25.35 -1.04
CA ILE A 61 11.38 24.31 -0.47
C ILE A 61 12.68 24.94 0.02
N ALA A 62 12.97 24.79 1.31
CA ALA A 62 14.12 25.48 1.90
C ALA A 62 15.41 24.73 1.62
N ASP A 63 16.46 25.14 2.28
CA ASP A 63 17.80 24.58 2.06
C ASP A 63 17.93 23.18 2.59
N ASP A 64 18.80 22.41 1.94
CA ASP A 64 19.25 21.14 2.47
C ASP A 64 18.11 20.12 2.53
N VAL A 65 17.13 20.30 1.66
CA VAL A 65 16.04 19.35 1.54
C VAL A 65 16.39 18.29 0.50
N GLU A 66 16.10 17.04 0.83
CA GLU A 66 16.36 15.92 -0.07
C GLU A 66 15.07 15.12 -0.31
N ILE A 67 14.71 14.97 -1.58
CA ILE A 67 13.46 14.36 -1.95
C ILE A 67 13.75 13.40 -3.09
N MET A 68 13.27 12.18 -2.92
CA MET A 68 13.44 11.15 -3.94
C MET A 68 12.11 10.47 -4.25
N GLY A 69 11.56 10.76 -5.42
CA GLY A 69 10.35 10.09 -5.89
C GLY A 69 9.06 10.67 -5.33
N LEU A 70 9.01 11.97 -5.13
CA LEU A 70 7.77 12.65 -4.76
C LEU A 70 6.86 12.84 -5.98
N VAL A 71 5.60 12.42 -5.84
CA VAL A 71 4.55 12.75 -6.78
C VAL A 71 3.65 13.80 -6.11
N CYS A 72 3.69 15.01 -6.64
CA CYS A 72 3.07 16.16 -6.01
C CYS A 72 2.12 16.84 -6.96
N SER A 73 0.88 17.02 -6.53
CA SER A 73 -0.14 17.70 -7.33
C SER A 73 -0.72 18.89 -6.57
N LEU A 74 -0.54 20.08 -7.13
CA LEU A 74 -1.06 21.29 -6.53
C LEU A 74 -2.03 22.00 -7.47
N HIS A 75 -3.13 22.48 -6.90
CA HIS A 75 -4.13 23.21 -7.66
C HIS A 75 -4.15 24.71 -7.32
N SER A 76 -5.01 25.46 -8.00
CA SER A 76 -5.06 26.92 -7.89
C SER A 76 -5.05 27.40 -6.45
N ASP A 77 -4.22 28.40 -6.16
CA ASP A 77 -4.24 29.09 -4.87
C ASP A 77 -3.79 28.22 -3.72
N CYS A 78 -3.16 27.09 -4.03
CA CYS A 78 -2.61 26.22 -3.02
C CYS A 78 -1.14 26.54 -2.75
N SER A 79 -0.66 26.03 -1.63
CA SER A 79 0.70 26.28 -1.19
CA SER A 79 0.70 26.28 -1.19
C SER A 79 1.25 25.07 -0.46
N LEU A 80 2.51 24.74 -0.78
CA LEU A 80 3.24 23.71 -0.11
C LEU A 80 4.56 24.33 0.34
N GLN A 81 4.85 24.17 1.61
CA GLN A 81 6.07 24.68 2.19
C GLN A 81 6.82 23.55 2.92
N ILE A 82 8.09 23.41 2.60
CA ILE A 82 8.91 22.38 3.21
C ILE A 82 10.19 23.02 3.76
N GLN A 83 10.37 22.94 5.07
CA GLN A 83 11.46 23.64 5.70
C GLN A 83 12.78 22.86 5.74
N ALA A 84 13.83 23.56 6.19
CA ALA A 84 15.21 23.15 5.96
C ALA A 84 15.51 21.78 6.52
N LYS A 85 16.31 21.01 5.77
CA LYS A 85 16.91 19.77 6.26
C LYS A 85 15.95 18.58 6.30
N THR A 86 14.77 18.75 5.75
CA THR A 86 13.80 17.68 5.71
C THR A 86 14.19 16.70 4.61
N THR A 87 14.01 15.41 4.88
CA THR A 87 14.26 14.37 3.89
C THR A 87 12.99 13.57 3.65
N MET A 88 12.78 13.16 2.42
CA MET A 88 11.56 12.47 2.03
C MET A 88 11.89 11.41 0.99
N GLY A 89 11.37 10.20 1.18
CA GLY A 89 11.48 9.14 0.18
C GLY A 89 10.32 9.23 -0.80
N ASN A 90 9.99 8.10 -1.43
CA ASN A 90 8.88 8.06 -2.38
C ASN A 90 7.56 8.35 -1.70
N GLY A 91 6.70 9.13 -2.34
CA GLY A 91 5.39 9.38 -1.78
C GLY A 91 4.59 10.37 -2.59
N GLU A 92 3.44 10.74 -2.02
CA GLU A 92 2.44 11.50 -2.71
C GLU A 92 1.90 12.62 -1.84
N ILE A 93 1.86 13.82 -2.41
CA ILE A 93 1.29 14.97 -1.75
C ILE A 93 0.25 15.60 -2.67
N THR A 94 -0.95 15.82 -2.15
CA THR A 94 -2.03 16.38 -2.95
C THR A 94 -2.65 17.56 -2.22
N ILE A 95 -2.72 18.70 -2.90
CA ILE A 95 -3.32 19.88 -2.30
C ILE A 95 -4.35 20.44 -3.26
N ALA A 96 -5.54 20.72 -2.74
CA ALA A 96 -6.59 21.39 -3.50
C ALA A 96 -7.43 22.28 -2.61
N GLU A 97 -8.59 22.70 -3.11
CA GLU A 97 -9.49 23.58 -2.36
C GLU A 97 -8.76 24.83 -1.79
N LYS A 98 -7.82 25.34 -2.58
CA LYS A 98 -7.12 26.59 -2.26
C LYS A 98 -6.48 26.51 -0.89
N GLY A 99 -6.01 25.32 -0.51
CA GLY A 99 -5.46 25.10 0.82
C GLY A 99 -3.94 25.03 0.88
N LYS A 100 -3.42 24.64 2.04
CA LYS A 100 -2.01 24.56 2.18
C LYS A 100 -1.54 23.42 3.05
N ILE A 101 -0.29 23.03 2.78
CA ILE A 101 0.38 22.00 3.56
C ILE A 101 1.75 22.50 3.92
N SER A 102 2.11 22.30 5.18
CA SER A 102 3.36 22.80 5.65
C SER A 102 4.10 21.67 6.37
N ILE A 103 5.36 21.50 5.99
CA ILE A 103 6.20 20.48 6.58
C ILE A 103 7.40 21.16 7.23
N GLY A 104 7.66 20.86 8.50
CA GLY A 104 8.61 21.60 9.29
C GLY A 104 10.06 21.27 9.01
N LYS A 105 10.94 21.76 9.90
CA LYS A 105 12.37 21.54 9.75
C LYS A 105 12.77 20.12 10.14
N ASP A 106 13.76 19.58 9.42
CA ASP A 106 14.42 18.34 9.82
C ASP A 106 13.43 17.19 10.03
N CYS A 107 12.44 17.07 9.16
CA CYS A 107 11.54 15.94 9.21
C CYS A 107 12.17 14.81 8.41
N MET A 108 11.68 13.60 8.64
CA MET A 108 12.16 12.42 7.93
C MET A 108 10.96 11.60 7.52
N LEU A 109 10.66 11.65 6.24
CA LEU A 109 9.48 10.98 5.69
C LEU A 109 9.87 9.74 4.88
N ALA A 110 9.57 8.57 5.45
CA ALA A 110 9.92 7.28 4.82
C ALA A 110 9.04 6.95 3.61
N HIS A 111 9.48 6.00 2.80
CA HIS A 111 8.77 5.61 1.57
C HIS A 111 7.29 5.33 1.86
N GLY A 112 6.43 5.70 0.92
CA GLY A 112 5.00 5.38 0.97
C GLY A 112 4.09 6.38 1.66
N TYR A 113 4.59 7.58 1.98
CA TYR A 113 3.72 8.58 2.60
C TYR A 113 2.63 9.03 1.62
N GLU A 114 1.47 9.36 2.19
CA GLU A 114 0.43 10.00 1.44
C GLU A 114 -0.14 11.12 2.30
N ILE A 115 -0.06 12.34 1.79
CA ILE A 115 -0.42 13.51 2.55
C ILE A 115 -1.37 14.35 1.71
N ARG A 116 -2.54 14.67 2.25
CA ARG A 116 -3.53 15.41 1.48
C ARG A 116 -4.34 16.34 2.39
N ASN A 117 -4.66 17.53 1.86
CA ASN A 117 -5.59 18.45 2.55
C ASN A 117 -7.04 18.33 2.08
N THR A 118 -7.33 17.37 1.22
CA THR A 118 -8.62 17.29 0.56
C THR A 118 -8.99 15.83 0.31
N ASP A 119 -10.29 15.55 0.31
CA ASP A 119 -10.81 14.24 -0.07
C ASP A 119 -11.04 14.18 -1.57
N MET A 120 -10.99 15.35 -2.19
CA MET A 120 -11.17 15.51 -3.65
C MET A 120 -12.64 15.44 -4.13
N HIS A 121 -13.57 15.09 -3.23
CA HIS A 121 -14.99 15.01 -3.57
C HIS A 121 -15.81 15.26 -2.33
N PRO A 122 -17.01 15.85 -2.50
CA PRO A 122 -17.82 16.34 -1.41
C PRO A 122 -18.63 15.28 -0.67
N ILE A 123 -18.81 15.48 0.63
CA ILE A 123 -19.78 14.71 1.37
C ILE A 123 -20.76 15.69 1.98
N TYR A 124 -22.05 15.43 1.78
CA TYR A 124 -23.09 16.33 2.28
C TYR A 124 -23.90 15.63 3.39
N SER A 125 -24.35 16.41 4.35
CA SER A 125 -25.23 15.91 5.38
C SER A 125 -26.68 15.90 4.87
N LEU A 126 -27.39 14.80 5.12
CA LEU A 126 -28.80 14.69 4.71
C LEU A 126 -29.71 15.56 5.59
N GLU A 127 -29.21 16.02 6.72
CA GLU A 127 -30.04 16.89 7.54
C GLU A 127 -30.28 18.25 6.88
N ASN A 128 -29.35 18.75 6.08
CA ASN A 128 -29.50 20.08 5.54
C ASN A 128 -28.89 20.26 4.16
N GLY A 129 -28.38 19.19 3.59
CA GLY A 129 -27.78 19.22 2.27
C GLY A 129 -26.41 19.90 2.17
N GLU A 130 -25.86 20.34 3.29
CA GLU A 130 -24.63 21.11 3.27
C GLU A 130 -23.38 20.22 3.25
N ARG A 131 -22.34 20.70 2.58
CA ARG A 131 -21.08 19.96 2.55
C ARG A 131 -20.45 19.97 3.92
N ILE A 132 -20.03 18.79 4.39
CA ILE A 132 -19.43 18.66 5.72
C ILE A 132 -17.95 18.29 5.69
N ASN A 133 -17.39 18.09 4.51
CA ASN A 133 -16.00 17.63 4.40
C ASN A 133 -15.10 18.58 3.62
N HIS A 134 -15.19 19.87 3.93
CA HIS A 134 -14.35 20.86 3.27
C HIS A 134 -12.88 20.57 3.61
N GLY A 135 -12.01 20.89 2.68
CA GLY A 135 -10.59 20.68 2.87
C GLY A 135 -10.07 21.51 4.02
N LYS A 136 -9.00 21.02 4.61
CA LYS A 136 -8.43 21.60 5.80
C LYS A 136 -6.91 21.44 5.76
N ASP A 137 -6.21 22.52 6.07
CA ASP A 137 -4.75 22.55 6.02
C ASP A 137 -4.11 21.44 6.87
N VAL A 138 -2.98 20.96 6.39
CA VAL A 138 -2.16 20.00 7.11
C VAL A 138 -0.87 20.68 7.61
N ILE A 139 -0.55 20.45 8.87
CA ILE A 139 0.66 21.02 9.45
C ILE A 139 1.50 19.93 10.12
N ILE A 140 2.64 19.65 9.54
CA ILE A 140 3.60 18.73 10.13
C ILE A 140 4.71 19.56 10.76
N GLY A 141 4.84 19.43 12.08
CA GLY A 141 5.83 20.16 12.87
C GLY A 141 7.27 19.84 12.54
N ASN A 142 8.18 20.45 13.29
CA ASN A 142 9.61 20.22 13.13
C ASN A 142 9.99 18.87 13.67
N HIS A 143 10.97 18.24 13.02
CA HIS A 143 11.56 17.00 13.51
C HIS A 143 10.49 15.94 13.71
N VAL A 144 9.67 15.72 12.68
CA VAL A 144 8.71 14.63 12.66
C VAL A 144 9.19 13.53 11.73
N TRP A 145 9.07 12.30 12.21
CA TRP A 145 9.48 11.11 11.48
C TRP A 145 8.24 10.32 11.17
N LEU A 146 7.95 10.19 9.89
CA LEU A 146 6.87 9.33 9.43
C LEU A 146 7.43 8.00 9.00
N GLY A 147 7.04 6.93 9.69
CA GLY A 147 7.44 5.60 9.27
C GLY A 147 6.90 5.29 7.88
N ARG A 148 7.16 4.07 7.44
CA ARG A 148 6.74 3.62 6.13
C ARG A 148 5.22 3.63 5.94
N ASN A 149 4.80 4.03 4.75
CA ASN A 149 3.41 3.90 4.35
C ASN A 149 2.48 4.58 5.34
N VAL A 150 2.80 5.81 5.70
CA VAL A 150 1.91 6.58 6.56
C VAL A 150 1.00 7.51 5.74
N THR A 151 -0.24 7.64 6.19
CA THR A 151 -1.23 8.44 5.49
C THR A 151 -1.70 9.56 6.41
N ILE A 152 -1.58 10.79 5.93
CA ILE A 152 -1.98 11.98 6.69
C ILE A 152 -3.13 12.64 5.94
N LEU A 153 -4.32 12.67 6.55
CA LEU A 153 -5.49 13.20 5.89
C LEU A 153 -5.73 14.67 6.27
N LYS A 154 -6.80 15.25 5.72
CA LYS A 154 -7.03 16.69 5.83
C LYS A 154 -7.11 17.12 7.27
N GLY A 155 -6.66 18.34 7.52
CA GLY A 155 -6.84 19.00 8.80
C GLY A 155 -5.85 18.58 9.86
N VAL A 156 -5.00 17.59 9.55
CA VAL A 156 -4.14 17.01 10.54
C VAL A 156 -2.93 17.87 10.81
N CYS A 157 -2.71 18.17 12.08
CA CYS A 157 -1.63 18.86 12.75
CA CYS A 157 -1.67 18.88 12.79
C CYS A 157 -0.86 17.90 13.66
N ILE A 158 0.43 17.76 13.35
CA ILE A 158 1.32 16.91 14.11
C ILE A 158 2.35 17.76 14.85
N PRO A 159 2.45 17.58 16.18
CA PRO A 159 3.41 18.32 17.00
C PRO A 159 4.87 18.00 16.69
N ASN A 160 5.75 18.85 17.20
CA ASN A 160 7.19 18.68 17.05
C ASN A 160 7.67 17.38 17.69
N ASN A 161 8.69 16.79 17.09
CA ASN A 161 9.39 15.63 17.67
C ASN A 161 8.49 14.45 17.89
N VAL A 162 7.83 14.04 16.83
CA VAL A 162 6.92 12.91 16.88
C VAL A 162 7.33 11.88 15.87
N VAL A 163 7.13 10.63 16.24
CA VAL A 163 7.34 9.52 15.35
C VAL A 163 5.96 8.95 15.06
N VAL A 164 5.65 8.80 13.78
CA VAL A 164 4.43 8.10 13.38
C VAL A 164 4.76 6.68 12.93
N GLY A 165 4.23 5.70 13.64
CA GLY A 165 4.49 4.31 13.36
C GLY A 165 4.05 3.92 11.96
N SER A 166 4.68 2.90 11.40
CA SER A 166 4.45 2.57 10.02
C SER A 166 3.01 2.12 9.80
N HIS A 167 2.49 2.45 8.62
CA HIS A 167 1.16 2.07 8.22
C HIS A 167 0.04 2.75 9.01
N THR A 168 0.36 3.75 9.81
CA THR A 168 -0.65 4.48 10.56
C THR A 168 -1.37 5.49 9.66
N VAL A 169 -2.67 5.64 9.88
CA VAL A 169 -3.48 6.64 9.20
C VAL A 169 -3.87 7.68 10.24
N LEU A 170 -3.53 8.94 10.00
CA LEU A 170 -3.97 10.01 10.89
C LEU A 170 -5.12 10.77 10.22
N TYR A 171 -6.25 10.89 10.91
CA TYR A 171 -7.52 11.54 10.60
CA TYR A 171 -7.55 11.50 10.65
C TYR A 171 -7.70 12.76 11.49
N LYS A 172 -7.07 12.74 12.66
CA LYS A 172 -7.17 13.82 13.65
C LYS A 172 -5.81 14.32 14.12
N SER A 173 -5.78 15.58 14.55
CA SER A 173 -4.58 16.24 15.07
C SER A 173 -4.19 15.71 16.45
N PHE A 174 -2.93 15.91 16.82
CA PHE A 174 -2.46 15.63 18.18
C PHE A 174 -1.85 16.90 18.75
N LYS A 175 -1.75 16.98 20.07
CA LYS A 175 -1.18 18.17 20.72
C LYS A 175 0.13 17.90 21.44
N GLU A 176 0.37 16.63 21.79
CA GLU A 176 1.51 16.24 22.62
C GLU A 176 2.81 16.09 21.83
N PRO A 177 3.83 16.88 22.16
CA PRO A 177 5.12 16.72 21.50
C PRO A 177 5.88 15.50 22.03
N ASN A 178 6.93 15.07 21.34
CA ASN A 178 7.88 14.12 21.91
C ASN A 178 7.28 12.74 22.15
N CYS A 179 6.49 12.23 21.20
CA CYS A 179 5.84 10.95 21.41
C CYS A 179 5.79 10.08 20.14
N VAL A 180 5.46 8.81 20.34
CA VAL A 180 5.22 7.88 19.26
C VAL A 180 3.71 7.70 19.13
N ILE A 181 3.23 7.73 17.89
CA ILE A 181 1.82 7.61 17.61
C ILE A 181 1.62 6.42 16.70
N ALA A 182 0.69 5.53 17.06
CA ALA A 182 0.43 4.36 16.21
C ALA A 182 -0.93 3.72 16.44
N GLY A 183 -1.22 2.72 15.61
CA GLY A 183 -2.41 1.89 15.76
C GLY A 183 -3.60 2.47 15.05
N SER A 184 -4.70 1.72 15.05
CA SER A 184 -5.97 2.27 14.60
C SER A 184 -7.01 1.98 15.67
N PRO A 185 -7.67 3.03 16.13
CA PRO A 185 -7.35 4.35 15.60
C PRO A 185 -5.95 4.82 16.04
N ALA A 186 -5.51 5.95 15.50
CA ALA A 186 -4.19 6.48 15.85
C ALA A 186 -4.19 7.02 17.28
N LYS A 187 -3.24 6.56 18.09
CA LYS A 187 -3.11 7.03 19.47
C LYS A 187 -1.64 7.10 19.92
N ILE A 188 -1.40 7.88 20.96
CA ILE A 188 -0.08 7.95 21.56
C ILE A 188 0.25 6.61 22.20
N VAL A 189 1.38 6.03 21.81
CA VAL A 189 1.68 4.67 22.19
C VAL A 189 2.93 4.65 23.05
N LYS A 190 3.62 5.79 23.09
CA LYS A 190 4.82 5.97 23.89
C LYS A 190 5.07 7.45 24.09
N GLU A 191 5.24 7.89 25.34
CA GLU A 191 5.47 9.30 25.62
C GLU A 191 6.93 9.57 25.96
N ASN A 192 7.31 10.85 25.91
CA ASN A 192 8.60 11.31 26.38
C ASN A 192 9.78 10.71 25.65
N ILE A 193 9.80 10.89 24.34
CA ILE A 193 10.88 10.35 23.52
C ILE A 193 11.46 11.41 22.61
N VAL A 194 12.57 11.07 21.96
CA VAL A 194 13.13 11.88 20.90
C VAL A 194 13.83 10.91 19.94
N TRP A 195 13.64 11.12 18.64
CA TRP A 195 14.26 10.24 17.67
C TRP A 195 15.48 10.90 17.05
N GLY A 196 16.32 10.08 16.41
CA GLY A 196 17.49 10.56 15.73
C GLY A 196 17.63 9.87 14.39
N ARG A 197 18.56 10.36 13.58
CA ARG A 197 18.78 9.81 12.24
C ARG A 197 19.75 8.63 12.21
N LYS A 198 20.79 8.68 13.05
CA LYS A 198 21.89 7.70 12.99
C LYS A 198 21.89 6.79 14.20
N MET A 199 22.02 5.49 13.99
CA MET A 199 22.06 4.59 15.15
C MET A 199 23.44 4.40 15.78
N TYR A 200 24.49 5.06 15.27
CA TYR A 200 25.81 4.94 15.93
C TYR A 200 25.93 5.93 17.09
N HIS A 201 24.98 5.88 18.02
CA HIS A 201 25.01 6.74 19.20
C HIS A 201 24.39 6.04 20.41
N SER A 202 25.21 5.54 21.33
CA SER A 202 24.63 4.79 22.44
C SER A 202 23.50 5.56 23.11
N THR A 203 23.69 6.87 23.32
CA THR A 203 22.64 7.70 23.91
C THR A 203 22.38 8.97 23.11
N MET A 204 21.36 9.71 23.52
CA MET A 204 20.94 10.91 22.80
C MET A 204 21.95 12.04 23.02
N TYR A 205 22.77 11.92 24.06
CA TYR A 205 23.74 12.96 24.39
C TYR A 205 24.93 12.95 23.43
N ASP A 206 24.97 11.92 22.58
CA ASP A 206 26.04 11.81 21.59
C ASP A 206 25.62 12.39 20.25
N ASP A 207 24.37 12.80 20.14
CA ASP A 207 23.86 13.38 18.91
C ASP A 207 23.69 14.87 19.14
N PRO A 208 24.60 15.67 18.58
CA PRO A 208 24.57 17.12 18.72
C PRO A 208 23.26 17.70 18.21
N THR A 209 22.65 17.07 17.21
CA THR A 209 21.44 17.62 16.63
C THR A 209 20.29 17.57 17.63
N LEU A 210 20.44 16.76 18.68
CA LEU A 210 19.32 16.47 19.57
C LEU A 210 19.28 17.32 20.84
N ASN A 211 20.31 18.10 21.08
CA ASN A 211 20.39 18.90 22.28
C ASN A 211 19.16 19.79 22.53
N GLU A 212 18.62 20.40 21.47
CA GLU A 212 17.47 21.31 21.64
C GLU A 212 16.21 20.59 22.13
N PHE A 213 16.30 19.28 22.36
CA PHE A 213 15.14 18.52 22.83
C PHE A 213 15.32 18.05 24.27
N TYR A 214 16.34 18.55 24.96
CA TYR A 214 16.54 18.23 26.37
C TYR A 214 17.39 19.27 27.09
N MET B 5 23.48 -8.43 -14.61
CA MET B 5 22.79 -8.69 -13.32
C MET B 5 23.70 -8.42 -12.14
N TYR B 6 24.74 -9.25 -12.03
CA TYR B 6 25.55 -9.35 -10.83
C TYR B 6 26.72 -8.37 -10.85
N SER B 7 27.05 -7.86 -9.67
CA SER B 7 28.09 -6.85 -9.53
C SER B 7 28.76 -6.95 -8.17
N GLU B 8 30.06 -7.17 -8.18
CA GLU B 8 30.82 -7.32 -6.94
C GLU B 8 31.95 -6.31 -6.84
N GLN B 9 32.26 -5.91 -5.62
CA GLN B 9 33.37 -5.01 -5.34
C GLN B 9 33.85 -5.29 -3.93
N GLY B 10 35.00 -5.97 -3.81
CA GLY B 10 35.47 -6.40 -2.50
C GLY B 10 36.17 -7.75 -2.57
N ILE B 11 36.57 -8.25 -1.41
CA ILE B 11 37.47 -9.39 -1.33
C ILE B 11 36.85 -10.59 -0.63
N ASN B 12 37.20 -11.79 -1.10
CA ASN B 12 36.75 -13.03 -0.49
C ASN B 12 35.23 -13.09 -0.36
N ASN B 13 34.54 -12.77 -1.45
CA ASN B 13 33.10 -12.91 -1.50
C ASN B 13 32.79 -14.21 -2.22
N THR B 14 31.95 -15.03 -1.59
CA THR B 14 31.61 -16.31 -2.16
C THR B 14 30.18 -16.27 -2.66
N ILE B 15 30.01 -16.51 -3.95
CA ILE B 15 28.71 -16.48 -4.58
C ILE B 15 28.48 -17.77 -5.34
N ASN B 16 27.73 -18.67 -4.73
CA ASN B 16 27.35 -19.88 -5.44
C ASN B 16 25.85 -19.93 -5.66
N ILE B 17 25.49 -19.73 -6.91
CA ILE B 17 24.13 -19.83 -7.36
C ILE B 17 24.03 -21.09 -8.19
N SER B 18 23.26 -22.06 -7.72
CA SER B 18 23.13 -23.33 -8.43
C SER B 18 22.79 -23.04 -9.89
N THR B 19 23.37 -23.82 -10.78
CA THR B 19 23.17 -23.63 -12.22
C THR B 19 21.80 -24.09 -12.70
N THR B 20 21.01 -24.66 -11.80
CA THR B 20 19.67 -25.12 -12.17
C THR B 20 18.62 -24.10 -11.74
N SER B 21 19.05 -23.05 -11.06
CA SER B 21 18.13 -22.00 -10.62
C SER B 21 18.08 -20.86 -11.65
N LEU B 22 16.98 -20.10 -11.64
CA LEU B 22 16.76 -19.03 -12.60
C LEU B 22 16.78 -17.67 -11.91
N THR B 23 17.47 -16.70 -12.51
CA THR B 23 17.66 -15.41 -11.88
C THR B 23 17.27 -14.25 -12.80
N ASN B 24 16.53 -14.57 -13.84
CA ASN B 24 16.07 -13.60 -14.81
C ASN B 24 15.76 -12.21 -14.21
N ALA B 25 16.34 -11.18 -14.83
CA ALA B 25 16.05 -9.77 -14.53
C ALA B 25 16.38 -9.39 -13.08
N THR B 26 17.13 -10.23 -12.39
CA THR B 26 17.47 -9.96 -11.01
C THR B 26 18.82 -9.27 -10.92
N GLN B 27 18.97 -8.43 -9.91
CA GLN B 27 20.16 -7.64 -9.73
C GLN B 27 20.76 -7.99 -8.39
N LEU B 28 22.02 -8.41 -8.41
CA LEU B 28 22.72 -8.77 -7.18
C LEU B 28 23.92 -7.87 -7.02
N THR B 29 23.93 -7.11 -5.94
CA THR B 29 25.05 -6.22 -5.67
C THR B 29 25.70 -6.55 -4.35
N VAL B 30 27.01 -6.73 -4.38
CA VAL B 30 27.79 -7.07 -3.19
C VAL B 30 28.95 -6.10 -3.06
N ILE B 31 28.84 -5.19 -2.09
CA ILE B 31 29.89 -4.23 -1.79
C ILE B 31 30.45 -4.56 -0.41
N GLY B 32 31.71 -4.98 -0.34
CA GLY B 32 32.26 -5.41 0.95
C GLY B 32 32.96 -6.75 0.87
N ASN B 33 33.14 -7.40 2.01
CA ASN B 33 34.09 -8.52 2.13
C ASN B 33 33.62 -9.69 2.98
N ASN B 34 34.20 -10.86 2.72
CA ASN B 34 33.89 -12.05 3.49
C ASN B 34 32.40 -12.26 3.56
N ASN B 35 31.73 -12.03 2.44
CA ASN B 35 30.28 -12.23 2.33
C ASN B 35 29.98 -13.51 1.57
N SER B 36 28.82 -14.11 1.84
CA SER B 36 28.42 -15.30 1.11
C SER B 36 26.98 -15.25 0.62
N VAL B 37 26.81 -15.54 -0.66
CA VAL B 37 25.50 -15.72 -1.25
C VAL B 37 25.36 -17.17 -1.68
N TYR B 38 24.25 -17.79 -1.30
CA TYR B 38 23.98 -19.16 -1.68
C TYR B 38 22.54 -19.31 -2.16
N ILE B 39 22.40 -19.77 -3.40
CA ILE B 39 21.09 -20.02 -4.00
C ILE B 39 21.06 -21.37 -4.71
N GLY B 40 19.90 -21.73 -5.24
CA GLY B 40 19.72 -22.99 -5.95
C GLY B 40 19.64 -24.05 -4.87
N ASN B 41 19.25 -25.27 -5.25
CA ASN B 41 18.84 -25.57 -6.62
C ASN B 41 17.33 -25.58 -6.84
N ASN B 42 16.94 -25.51 -8.10
CA ASN B 42 15.54 -25.40 -8.48
C ASN B 42 14.89 -24.16 -7.92
N CYS B 43 15.65 -23.06 -7.85
CA CYS B 43 15.11 -21.77 -7.40
C CYS B 43 14.76 -20.88 -8.58
N LYS B 44 13.70 -20.08 -8.41
CA LYS B 44 13.38 -19.04 -9.39
C LYS B 44 13.38 -17.70 -8.68
N ILE B 45 14.44 -16.93 -8.91
CA ILE B 45 14.61 -15.67 -8.22
C ILE B 45 14.66 -14.56 -9.26
N VAL B 46 13.50 -13.96 -9.50
CA VAL B 46 13.23 -13.19 -10.70
C VAL B 46 12.89 -11.75 -10.36
N SER B 47 13.25 -10.84 -11.26
CA SER B 47 12.92 -9.43 -11.14
C SER B 47 13.13 -8.88 -9.74
N SER B 48 14.20 -9.30 -9.08
CA SER B 48 14.48 -8.83 -7.74
C SER B 48 15.71 -7.93 -7.71
N ASN B 49 15.86 -7.20 -6.61
CA ASN B 49 16.97 -6.30 -6.42
C ASN B 49 17.56 -6.57 -5.05
N ILE B 50 18.71 -7.23 -5.01
CA ILE B 50 19.27 -7.70 -3.75
C ILE B 50 20.62 -7.04 -3.50
N ARG B 51 20.74 -6.44 -2.32
CA ARG B 51 21.89 -5.59 -2.02
C ARG B 51 22.53 -5.98 -0.71
N LEU B 52 23.81 -6.33 -0.77
CA LEU B 52 24.61 -6.61 0.42
C LEU B 52 25.72 -5.59 0.50
N LYS B 53 25.76 -4.84 1.59
CA LYS B 53 26.83 -3.85 1.76
C LYS B 53 27.48 -3.99 3.13
N GLY B 54 28.73 -4.42 3.14
CA GLY B 54 29.44 -4.63 4.40
C GLY B 54 30.24 -5.92 4.40
N ASN B 55 30.51 -6.41 5.60
CA ASN B 55 31.33 -7.60 5.78
C ASN B 55 30.53 -8.72 6.45
N ASN B 56 30.90 -9.95 6.16
CA ASN B 56 30.38 -11.11 6.91
C ASN B 56 28.86 -11.18 6.91
N ILE B 57 28.29 -10.85 5.76
CA ILE B 57 26.86 -10.98 5.56
C ILE B 57 26.57 -12.34 4.96
N THR B 58 25.47 -12.97 5.36
CA THR B 58 25.10 -14.25 4.79
C THR B 58 23.69 -14.20 4.21
N LEU B 59 23.60 -14.54 2.93
CA LEU B 59 22.32 -14.72 2.26
C LEU B 59 22.19 -16.18 1.87
N PHE B 60 21.19 -16.86 2.44
CA PHE B 60 21.02 -18.28 2.19
C PHE B 60 19.58 -18.57 1.75
N ILE B 61 19.46 -19.00 0.49
CA ILE B 61 18.17 -19.37 -0.08
C ILE B 61 18.26 -20.85 -0.47
N ALA B 62 17.47 -21.69 0.20
CA ALA B 62 17.52 -23.14 0.00
C ALA B 62 16.84 -23.56 -1.30
N ASP B 63 16.82 -24.87 -1.55
CA ASP B 63 16.24 -25.39 -2.78
C ASP B 63 14.78 -25.02 -2.92
N ASP B 64 14.32 -25.01 -4.17
CA ASP B 64 12.89 -24.95 -4.44
C ASP B 64 12.25 -23.70 -3.86
N VAL B 65 12.99 -22.59 -3.90
CA VAL B 65 12.43 -21.30 -3.47
C VAL B 65 12.12 -20.43 -4.69
N GLU B 66 10.90 -19.91 -4.76
CA GLU B 66 10.49 -19.06 -5.86
C GLU B 66 10.18 -17.65 -5.36
N ILE B 67 10.97 -16.68 -5.79
CA ILE B 67 10.79 -15.29 -5.37
C ILE B 67 10.65 -14.40 -6.59
N MET B 68 9.67 -13.51 -6.55
CA MET B 68 9.47 -12.56 -7.63
C MET B 68 9.26 -11.13 -7.11
N GLY B 69 10.15 -10.22 -7.50
CA GLY B 69 10.04 -8.82 -7.14
C GLY B 69 10.43 -8.47 -5.71
N LEU B 70 11.40 -9.19 -5.15
CA LEU B 70 11.92 -8.86 -3.82
C LEU B 70 12.91 -7.71 -3.93
N VAL B 71 12.80 -6.74 -3.03
CA VAL B 71 13.81 -5.71 -2.86
C VAL B 71 14.42 -6.01 -1.50
N CYS B 72 15.71 -6.24 -1.47
CA CYS B 72 16.34 -6.75 -0.26
C CYS B 72 17.62 -6.00 0.04
N SER B 73 17.70 -5.43 1.24
CA SER B 73 18.91 -4.73 1.65
C SER B 73 19.48 -5.33 2.92
N LEU B 74 20.73 -5.79 2.85
CA LEU B 74 21.44 -6.36 4.01
C LEU B 74 22.72 -5.59 4.31
N HIS B 75 22.87 -5.22 5.58
CA HIS B 75 24.08 -4.54 6.03
C HIS B 75 25.04 -5.52 6.72
N SER B 76 26.17 -5.00 7.17
CA SER B 76 27.24 -5.84 7.71
C SER B 76 26.77 -6.82 8.78
N ASP B 77 27.29 -8.04 8.71
CA ASP B 77 27.08 -9.05 9.75
C ASP B 77 25.61 -9.45 9.91
N CYS B 78 24.82 -9.24 8.86
CA CYS B 78 23.43 -9.66 8.89
C CYS B 78 23.31 -10.98 8.14
N SER B 79 22.21 -11.70 8.35
CA SER B 79 21.94 -12.88 7.53
C SER B 79 20.46 -13.11 7.29
N LEU B 80 20.14 -13.43 6.04
CA LEU B 80 18.80 -13.76 5.64
C LEU B 80 18.84 -15.23 5.31
N GLN B 81 17.96 -16.01 5.94
CA GLN B 81 17.85 -17.43 5.69
C GLN B 81 16.43 -17.75 5.29
N ILE B 82 16.28 -18.29 4.09
CA ILE B 82 14.98 -18.64 3.56
C ILE B 82 15.00 -20.13 3.26
N GLN B 83 14.15 -20.91 3.93
CA GLN B 83 14.18 -22.38 3.79
C GLN B 83 13.39 -22.89 2.59
N ALA B 84 13.57 -24.17 2.30
CA ALA B 84 13.14 -24.75 1.02
C ALA B 84 11.63 -24.73 0.82
N LYS B 85 11.22 -24.54 -0.43
CA LYS B 85 9.82 -24.65 -0.81
C LYS B 85 9.07 -23.36 -0.54
N THR B 86 9.73 -22.39 0.04
CA THR B 86 9.09 -21.12 0.29
C THR B 86 8.87 -20.38 -1.03
N THR B 87 7.69 -19.75 -1.14
CA THR B 87 7.33 -18.95 -2.31
C THR B 87 7.07 -17.53 -1.82
N MET B 88 7.44 -16.54 -2.63
CA MET B 88 7.34 -15.15 -2.24
C MET B 88 7.03 -14.27 -3.45
N GLY B 89 6.02 -13.40 -3.32
CA GLY B 89 5.73 -12.40 -4.33
C GLY B 89 6.53 -11.12 -4.12
N ASN B 90 5.99 -10.01 -4.60
CA ASN B 90 6.62 -8.69 -4.45
C ASN B 90 6.70 -8.27 -2.99
N GLY B 91 7.83 -7.69 -2.62
CA GLY B 91 7.99 -7.25 -1.24
C GLY B 91 9.38 -6.81 -0.88
N GLU B 92 9.57 -6.53 0.39
CA GLU B 92 10.79 -5.94 0.86
C GLU B 92 11.25 -6.56 2.15
N ILE B 93 12.55 -6.79 2.23
CA ILE B 93 13.16 -7.28 3.44
C ILE B 93 14.36 -6.39 3.73
N THR B 94 14.41 -5.84 4.94
CA THR B 94 15.52 -5.01 5.34
C THR B 94 16.14 -5.57 6.64
N ILE B 95 17.46 -5.78 6.63
CA ILE B 95 18.14 -6.25 7.83
C ILE B 95 19.33 -5.36 8.15
N ALA B 96 19.46 -4.97 9.41
CA ALA B 96 20.60 -4.16 9.85
C ALA B 96 20.88 -4.48 11.30
N GLU B 97 21.76 -3.69 11.92
CA GLU B 97 22.13 -3.90 13.32
C GLU B 97 22.64 -5.32 13.57
N LYS B 98 23.33 -5.89 12.59
CA LYS B 98 23.98 -7.19 12.75
C LYS B 98 23.01 -8.24 13.25
N GLY B 99 21.81 -8.26 12.67
CA GLY B 99 20.78 -9.19 13.10
C GLY B 99 20.45 -10.23 12.05
N LYS B 100 19.37 -10.94 12.30
CA LYS B 100 18.96 -12.07 11.47
C LYS B 100 17.47 -12.10 11.22
N ILE B 101 17.10 -12.48 10.00
CA ILE B 101 15.73 -12.85 9.69
C ILE B 101 15.77 -14.26 9.09
N SER B 102 14.92 -15.15 9.60
CA SER B 102 14.83 -16.47 9.02
C SER B 102 13.39 -16.77 8.64
N ILE B 103 13.24 -17.37 7.47
CA ILE B 103 11.94 -17.76 6.96
C ILE B 103 11.97 -19.25 6.75
N GLY B 104 11.03 -19.94 7.41
CA GLY B 104 11.02 -21.38 7.45
C GLY B 104 10.65 -22.06 6.15
N LYS B 105 10.49 -23.37 6.21
CA LYS B 105 10.15 -24.18 5.05
C LYS B 105 8.71 -24.00 4.59
N ASP B 106 8.53 -24.03 3.27
CA ASP B 106 7.22 -24.11 2.67
C ASP B 106 6.29 -22.96 3.04
N CYS B 107 6.85 -21.76 3.11
CA CYS B 107 6.02 -20.59 3.38
C CYS B 107 5.41 -20.06 2.09
N MET B 108 4.34 -19.29 2.24
CA MET B 108 3.70 -18.63 1.11
C MET B 108 3.48 -17.16 1.43
N LEU B 109 4.33 -16.29 0.87
CA LEU B 109 4.25 -14.86 1.15
C LEU B 109 3.71 -14.10 -0.05
N ALA B 110 2.49 -13.60 0.09
CA ALA B 110 1.81 -12.88 -0.98
C ALA B 110 2.38 -11.46 -1.17
N HIS B 111 2.10 -10.88 -2.33
CA HIS B 111 2.56 -9.54 -2.67
C HIS B 111 2.35 -8.55 -1.53
N GLY B 112 3.30 -7.63 -1.40
CA GLY B 112 3.15 -6.50 -0.50
C GLY B 112 3.77 -6.68 0.87
N TYR B 113 4.46 -7.80 1.09
CA TYR B 113 5.07 -8.03 2.39
C TYR B 113 6.19 -7.02 2.64
N GLU B 114 6.36 -6.70 3.91
CA GLU B 114 7.41 -5.82 4.33
C GLU B 114 7.94 -6.48 5.59
N ILE B 115 9.19 -6.90 5.57
CA ILE B 115 9.77 -7.58 6.71
C ILE B 115 11.07 -6.89 7.12
N ARG B 116 11.24 -6.61 8.42
CA ARG B 116 12.48 -5.99 8.88
CA ARG B 116 12.44 -5.94 8.91
C ARG B 116 12.74 -6.24 10.37
N ASN B 117 14.02 -6.25 10.73
CA ASN B 117 14.44 -6.44 12.11
C ASN B 117 14.84 -5.12 12.75
N THR B 118 14.59 -4.01 12.04
CA THR B 118 15.16 -2.73 12.41
C THR B 118 14.24 -1.56 12.02
N ASP B 119 14.32 -0.47 12.75
CA ASP B 119 13.61 0.78 12.38
C ASP B 119 14.54 1.65 11.53
N MET B 120 15.83 1.30 11.53
CA MET B 120 16.84 1.99 10.75
C MET B 120 17.22 3.36 11.35
N HIS B 121 16.51 3.77 12.39
CA HIS B 121 16.86 4.99 13.12
C HIS B 121 16.51 4.81 14.58
N PRO B 122 17.26 5.49 15.45
CA PRO B 122 17.10 5.39 16.89
C PRO B 122 15.96 6.24 17.45
N ILE B 123 15.27 5.67 18.44
CA ILE B 123 14.38 6.42 19.29
C ILE B 123 14.93 6.33 20.70
N TYR B 124 15.09 7.47 21.37
CA TYR B 124 15.63 7.49 22.74
C TYR B 124 14.57 7.91 23.76
N SER B 125 14.71 7.44 25.00
CA SER B 125 13.86 7.93 26.07
C SER B 125 14.41 9.25 26.57
N LEU B 126 13.54 10.26 26.69
CA LEU B 126 13.89 11.53 27.32
C LEU B 126 14.17 11.36 28.81
N GLU B 127 13.69 10.26 29.39
CA GLU B 127 13.83 10.04 30.82
C GLU B 127 15.27 9.71 31.22
N ASN B 128 15.91 8.84 30.44
CA ASN B 128 17.25 8.37 30.78
C ASN B 128 18.24 8.46 29.63
N GLY B 129 17.77 8.93 28.48
CA GLY B 129 18.63 9.15 27.32
C GLY B 129 18.98 7.89 26.54
N GLU B 130 18.47 6.75 27.01
CA GLU B 130 18.82 5.47 26.39
C GLU B 130 18.02 5.22 25.12
N ARG B 131 18.61 4.47 24.21
CA ARG B 131 17.90 4.00 23.05
C ARG B 131 16.95 2.86 23.46
N ILE B 132 15.74 2.84 22.90
CA ILE B 132 14.74 1.89 23.35
C ILE B 132 14.13 1.10 22.19
N ASN B 133 14.71 1.25 21.00
CA ASN B 133 14.23 0.51 19.84
C ASN B 133 15.38 -0.22 19.15
N HIS B 134 16.21 -0.91 19.92
CA HIS B 134 17.29 -1.70 19.33
C HIS B 134 16.65 -2.72 18.41
N GLY B 135 17.37 -3.08 17.34
CA GLY B 135 16.88 -4.10 16.42
C GLY B 135 16.74 -5.44 17.11
N LYS B 136 15.85 -6.28 16.59
CA LYS B 136 15.66 -7.63 17.13
C LYS B 136 15.27 -8.60 16.03
N ASP B 137 15.85 -9.80 16.09
CA ASP B 137 15.67 -10.83 15.07
C ASP B 137 14.20 -11.17 14.79
N VAL B 138 13.92 -11.43 13.51
CA VAL B 138 12.62 -11.89 13.09
C VAL B 138 12.73 -13.36 12.74
N ILE B 139 11.84 -14.15 13.32
CA ILE B 139 11.77 -15.56 13.03
C ILE B 139 10.39 -15.92 12.50
N ILE B 140 10.37 -16.42 11.27
CA ILE B 140 9.11 -16.82 10.65
C ILE B 140 9.14 -18.33 10.47
N GLY B 141 8.19 -19.01 11.11
CA GLY B 141 8.23 -20.47 11.21
C GLY B 141 7.93 -21.15 9.91
N ASN B 142 7.90 -22.48 9.93
CA ASN B 142 7.64 -23.30 8.75
C ASN B 142 6.17 -23.24 8.39
N HIS B 143 5.88 -23.27 7.09
CA HIS B 143 4.51 -23.32 6.60
C HIS B 143 3.73 -22.14 7.14
N VAL B 144 4.20 -20.94 6.84
CA VAL B 144 3.49 -19.71 7.20
C VAL B 144 3.00 -19.03 5.94
N TRP B 145 1.75 -18.61 5.98
CA TRP B 145 1.11 -17.93 4.86
C TRP B 145 0.81 -16.48 5.24
N LEU B 146 1.50 -15.56 4.58
CA LEU B 146 1.23 -14.13 4.78
C LEU B 146 0.30 -13.70 3.65
N GLY B 147 -0.90 -13.26 4.02
CA GLY B 147 -1.80 -12.64 3.07
C GLY B 147 -1.18 -11.37 2.53
N ARG B 148 -1.90 -10.72 1.62
CA ARG B 148 -1.46 -9.49 0.97
C ARG B 148 -1.09 -8.37 1.95
N ASN B 149 -0.04 -7.64 1.61
CA ASN B 149 0.33 -6.41 2.32
C ASN B 149 0.41 -6.60 3.81
N VAL B 150 1.12 -7.64 4.18
CA VAL B 150 1.41 -7.89 5.58
C VAL B 150 2.74 -7.25 5.96
N THR B 151 2.81 -6.73 7.17
CA THR B 151 4.01 -6.08 7.65
C THR B 151 4.50 -6.79 8.91
N ILE B 152 5.75 -7.24 8.87
CA ILE B 152 6.35 -7.97 9.99
C ILE B 152 7.53 -7.19 10.51
N LEU B 153 7.41 -6.68 11.74
CA LEU B 153 8.40 -5.76 12.31
C LEU B 153 9.35 -6.48 13.28
N LYS B 154 10.24 -5.71 13.89
CA LYS B 154 11.39 -6.27 14.57
C LYS B 154 11.00 -7.12 15.76
N GLY B 155 11.72 -8.22 15.93
CA GLY B 155 11.55 -9.09 17.10
C GLY B 155 10.34 -10.00 17.06
N VAL B 156 9.53 -9.90 16.01
CA VAL B 156 8.34 -10.74 15.88
C VAL B 156 8.66 -12.18 15.52
N CYS B 157 8.11 -13.12 16.29
CA CYS B 157 8.23 -14.54 15.97
C CYS B 157 6.88 -15.14 15.59
N ILE B 158 6.84 -15.82 14.45
CA ILE B 158 5.62 -16.46 13.99
C ILE B 158 5.74 -17.99 14.03
N PRO B 159 4.83 -18.64 14.76
CA PRO B 159 4.85 -20.11 14.87
C PRO B 159 4.60 -20.82 13.54
N ASN B 160 4.84 -22.12 13.51
CA ASN B 160 4.63 -22.94 12.33
C ASN B 160 3.13 -23.03 11.97
N ASN B 161 2.84 -23.19 10.68
CA ASN B 161 1.47 -23.37 10.21
C ASN B 161 0.53 -22.32 10.78
N VAL B 162 0.79 -21.08 10.41
CA VAL B 162 -0.02 -19.95 10.83
C VAL B 162 -0.38 -19.17 9.59
N VAL B 163 -1.57 -18.58 9.59
CA VAL B 163 -1.96 -17.72 8.49
C VAL B 163 -2.12 -16.31 9.03
N VAL B 164 -1.57 -15.34 8.31
CA VAL B 164 -1.71 -13.94 8.68
C VAL B 164 -2.61 -13.24 7.66
N GLY B 165 -3.66 -12.60 8.16
CA GLY B 165 -4.67 -12.00 7.30
C GLY B 165 -4.21 -10.77 6.54
N SER B 166 -4.86 -10.54 5.40
CA SER B 166 -4.54 -9.41 4.52
C SER B 166 -4.40 -8.11 5.31
N HIS B 167 -3.32 -7.38 5.03
CA HIS B 167 -3.04 -6.05 5.57
C HIS B 167 -2.82 -5.98 7.07
N THR B 168 -2.53 -7.12 7.71
CA THR B 168 -2.21 -7.11 9.14
C THR B 168 -0.78 -6.60 9.39
N VAL B 169 -0.60 -5.90 10.50
CA VAL B 169 0.72 -5.47 10.97
C VAL B 169 1.05 -6.21 12.26
N LEU B 170 2.17 -6.92 12.28
CA LEU B 170 2.60 -7.60 13.50
C LEU B 170 3.73 -6.84 14.18
N TYR B 171 3.50 -6.48 15.44
CA TYR B 171 4.47 -5.77 16.30
C TYR B 171 5.00 -6.72 17.36
N LYS B 172 4.26 -7.80 17.62
CA LYS B 172 4.56 -8.70 18.73
C LYS B 172 4.63 -10.15 18.24
N SER B 173 5.24 -11.00 19.06
CA SER B 173 5.34 -12.42 18.77
C SER B 173 4.09 -13.18 19.22
N PHE B 174 3.83 -14.32 18.58
CA PHE B 174 2.79 -15.23 19.02
C PHE B 174 3.44 -16.57 19.36
N LYS B 175 2.78 -17.39 20.16
CA LYS B 175 3.34 -18.68 20.58
C LYS B 175 2.52 -19.87 20.09
N GLU B 176 1.31 -19.61 19.64
CA GLU B 176 0.39 -20.69 19.27
C GLU B 176 0.46 -21.07 17.80
N PRO B 177 0.70 -22.35 17.51
CA PRO B 177 0.71 -22.79 16.12
C PRO B 177 -0.72 -23.06 15.63
N ASN B 178 -0.87 -23.34 14.34
CA ASN B 178 -2.14 -23.80 13.78
C ASN B 178 -3.26 -22.78 13.93
N CYS B 179 -2.97 -21.51 13.68
CA CYS B 179 -3.98 -20.50 13.88
C CYS B 179 -3.97 -19.43 12.80
N VAL B 180 -5.04 -18.64 12.75
CA VAL B 180 -5.10 -17.48 11.89
C VAL B 180 -4.96 -16.25 12.75
N ILE B 181 -4.13 -15.32 12.30
CA ILE B 181 -3.91 -14.06 13.01
C ILE B 181 -4.32 -12.91 12.11
N ALA B 182 -5.18 -12.04 12.62
CA ALA B 182 -5.64 -10.89 11.85
C ALA B 182 -6.03 -9.75 12.77
N GLY B 183 -6.39 -8.63 12.15
CA GLY B 183 -6.90 -7.47 12.88
C GLY B 183 -5.83 -6.53 13.38
N SER B 184 -6.28 -5.51 14.10
CA SER B 184 -5.43 -4.46 14.62
C SER B 184 -6.05 -3.96 15.91
N PRO B 185 -5.38 -4.20 17.04
CA PRO B 185 -4.10 -4.91 17.10
C PRO B 185 -4.21 -6.37 16.66
N ALA B 186 -3.15 -6.89 16.05
CA ALA B 186 -3.11 -8.28 15.61
C ALA B 186 -3.52 -9.22 16.75
N LYS B 187 -4.29 -10.25 16.43
CA LYS B 187 -4.66 -11.24 17.43
C LYS B 187 -5.06 -12.55 16.77
N ILE B 188 -5.05 -13.63 17.55
CA ILE B 188 -5.54 -14.91 17.08
C ILE B 188 -7.02 -14.77 16.81
N VAL B 189 -7.44 -15.12 15.60
CA VAL B 189 -8.82 -14.91 15.20
C VAL B 189 -9.49 -16.25 14.89
N LYS B 190 -8.67 -17.29 14.76
CA LYS B 190 -9.16 -18.64 14.54
C LYS B 190 -8.06 -19.64 14.95
N GLU B 191 -8.46 -20.75 15.57
CA GLU B 191 -7.52 -21.75 16.07
C GLU B 191 -7.75 -23.15 15.51
N ASN B 192 -6.71 -23.97 15.57
CA ASN B 192 -6.84 -25.39 15.22
C ASN B 192 -7.05 -25.60 13.72
N ILE B 193 -6.23 -24.95 12.91
CA ILE B 193 -6.35 -25.06 11.45
C ILE B 193 -5.01 -25.39 10.78
N VAL B 194 -5.11 -25.69 9.50
CA VAL B 194 -3.93 -25.89 8.67
C VAL B 194 -4.29 -25.40 7.27
N TRP B 195 -3.36 -24.70 6.63
CA TRP B 195 -3.62 -24.13 5.31
C TRP B 195 -2.90 -24.93 4.24
N GLY B 196 -3.38 -24.82 3.02
CA GLY B 196 -2.74 -25.47 1.88
C GLY B 196 -2.71 -24.54 0.69
N ARG B 197 -1.96 -24.91 -0.33
CA ARG B 197 -1.80 -24.08 -1.52
C ARG B 197 -2.89 -24.30 -2.56
N LYS B 198 -3.43 -25.52 -2.60
CA LYS B 198 -4.31 -25.92 -3.69
C LYS B 198 -5.77 -26.03 -3.25
N MET B 199 -6.63 -25.24 -3.87
CA MET B 199 -8.05 -25.24 -3.55
C MET B 199 -8.72 -26.51 -4.05
N TYR B 200 -8.10 -27.18 -5.00
CA TYR B 200 -8.69 -28.39 -5.60
C TYR B 200 -8.53 -29.60 -4.68
N HIS B 201 -7.84 -29.42 -3.56
CA HIS B 201 -7.83 -30.44 -2.53
C HIS B 201 -8.99 -30.19 -1.58
N SER B 202 -10.03 -30.99 -1.70
CA SER B 202 -11.25 -30.80 -0.92
C SER B 202 -10.99 -30.87 0.58
N THR B 203 -10.12 -31.80 0.99
CA THR B 203 -9.76 -31.93 2.39
C THR B 203 -8.26 -31.93 2.53
N MET B 204 -7.79 -31.70 3.74
CA MET B 204 -6.36 -31.70 4.00
C MET B 204 -5.76 -33.05 3.68
N TYR B 205 -6.58 -34.10 3.73
CA TYR B 205 -6.11 -35.47 3.49
C TYR B 205 -5.73 -35.69 2.04
N ASP B 206 -6.25 -34.86 1.14
CA ASP B 206 -5.94 -34.96 -0.27
C ASP B 206 -4.65 -34.22 -0.59
N ASP B 207 -3.99 -33.68 0.43
CA ASP B 207 -2.75 -32.93 0.23
C ASP B 207 -1.57 -33.60 0.92
N PRO B 208 -0.68 -34.22 0.14
CA PRO B 208 0.43 -34.98 0.70
C PRO B 208 1.38 -34.10 1.51
N THR B 209 1.43 -32.81 1.16
CA THR B 209 2.35 -31.90 1.82
C THR B 209 1.89 -31.57 3.23
N LEU B 210 0.66 -31.98 3.57
CA LEU B 210 0.06 -31.59 4.84
C LEU B 210 0.05 -32.71 5.86
N ASN B 211 0.47 -33.90 5.45
CA ASN B 211 0.47 -35.06 6.33
C ASN B 211 1.04 -34.75 7.71
N GLU B 212 2.14 -34.02 7.74
CA GLU B 212 2.88 -33.78 8.99
C GLU B 212 2.12 -32.89 9.97
N PHE B 213 1.17 -32.10 9.48
CA PHE B 213 0.51 -31.12 10.34
C PHE B 213 -0.70 -31.71 11.07
N TYR B 214 -1.14 -32.88 10.63
CA TYR B 214 -2.20 -33.61 11.33
C TYR B 214 -1.74 -35.00 11.70
N MET C 5 -6.33 -6.40 -30.64
CA MET C 5 -6.95 -5.90 -29.38
C MET C 5 -7.02 -7.03 -28.36
N TYR C 6 -7.98 -7.91 -28.55
CA TYR C 6 -8.20 -9.00 -27.60
C TYR C 6 -7.79 -10.33 -28.19
N SER C 7 -7.40 -11.23 -27.30
CA SER C 7 -7.00 -12.58 -27.66
C SER C 7 -8.06 -13.56 -27.15
N GLU C 8 -8.60 -14.36 -28.07
CA GLU C 8 -9.70 -15.25 -27.75
C GLU C 8 -9.46 -16.67 -28.25
N GLN C 9 -9.65 -17.63 -27.36
CA GLN C 9 -9.41 -19.04 -27.67
C GLN C 9 -10.55 -19.88 -27.12
N GLY C 10 -11.13 -20.72 -27.97
CA GLY C 10 -12.18 -21.64 -27.54
C GLY C 10 -13.44 -21.57 -28.37
N ILE C 11 -14.56 -21.93 -27.74
CA ILE C 11 -15.81 -22.15 -28.48
C ILE C 11 -17.01 -21.47 -27.81
N ASN C 12 -17.90 -20.92 -28.62
CA ASN C 12 -19.07 -20.14 -28.18
CA ASN C 12 -19.07 -20.25 -28.09
C ASN C 12 -18.70 -19.06 -27.18
N ASN C 13 -17.60 -18.37 -27.47
CA ASN C 13 -17.23 -17.18 -26.73
C ASN C 13 -17.82 -15.98 -27.43
N THR C 14 -18.52 -15.12 -26.69
CA THR C 14 -19.04 -13.90 -27.30
C THR C 14 -18.44 -12.64 -26.70
N ILE C 15 -18.08 -11.71 -27.58
CA ILE C 15 -17.43 -10.48 -27.19
C ILE C 15 -18.08 -9.28 -27.88
N ASN C 16 -18.77 -8.44 -27.10
CA ASN C 16 -19.45 -7.26 -27.62
C ASN C 16 -18.90 -5.99 -26.97
N ILE C 17 -18.09 -5.25 -27.72
CA ILE C 17 -17.48 -4.03 -27.23
C ILE C 17 -17.95 -2.89 -28.11
N SER C 18 -18.76 -1.99 -27.56
CA SER C 18 -19.34 -0.95 -28.38
C SER C 18 -18.25 -0.17 -29.09
N THR C 19 -18.54 0.26 -30.32
CA THR C 19 -17.56 0.96 -31.13
C THR C 19 -17.35 2.40 -30.64
N THR C 20 -18.12 2.83 -29.65
CA THR C 20 -17.99 4.18 -29.13
C THR C 20 -17.23 4.16 -27.80
N SER C 21 -16.66 3.02 -27.49
CA SER C 21 -15.88 2.88 -26.28
C SER C 21 -14.40 2.82 -26.61
N LEU C 22 -13.59 3.30 -25.69
CA LEU C 22 -12.14 3.31 -25.86
C LEU C 22 -11.55 2.18 -25.04
N THR C 23 -10.61 1.44 -25.61
CA THR C 23 -9.93 0.37 -24.88
C THR C 23 -8.41 0.50 -25.00
N ASN C 24 -7.94 1.70 -25.29
CA ASN C 24 -6.51 1.96 -25.46
C ASN C 24 -5.66 1.26 -24.43
N ALA C 25 -4.69 0.47 -24.90
CA ALA C 25 -3.68 -0.11 -24.04
C ALA C 25 -4.24 -1.16 -23.08
N THR C 26 -5.44 -1.65 -23.36
CA THR C 26 -5.96 -2.73 -22.54
C THR C 26 -5.79 -4.09 -23.23
N GLN C 27 -5.36 -5.08 -22.47
CA GLN C 27 -5.30 -6.46 -22.96
C GLN C 27 -6.48 -7.25 -22.42
N LEU C 28 -7.25 -7.84 -23.33
CA LEU C 28 -8.34 -8.72 -22.96
C LEU C 28 -8.08 -10.14 -23.47
N THR C 29 -8.04 -11.09 -22.55
CA THR C 29 -7.76 -12.48 -22.90
C THR C 29 -8.90 -13.37 -22.45
N VAL C 30 -9.45 -14.13 -23.39
CA VAL C 30 -10.54 -15.05 -23.07
C VAL C 30 -10.16 -16.47 -23.53
N ILE C 31 -10.02 -17.38 -22.57
CA ILE C 31 -9.65 -18.75 -22.89
C ILE C 31 -10.66 -19.73 -22.30
N GLY C 32 -11.37 -20.42 -23.19
CA GLY C 32 -12.40 -21.35 -22.74
C GLY C 32 -13.64 -21.32 -23.62
N ASN C 33 -14.74 -21.80 -23.06
CA ASN C 33 -15.98 -21.99 -23.80
C ASN C 33 -17.15 -21.31 -23.13
N ASN C 34 -18.01 -20.71 -23.93
CA ASN C 34 -19.28 -20.26 -23.40
C ASN C 34 -19.06 -19.03 -22.54
N ASN C 35 -18.07 -18.23 -22.90
CA ASN C 35 -17.77 -17.04 -22.13
C ASN C 35 -18.38 -15.82 -22.83
N SER C 36 -18.71 -14.81 -22.04
CA SER C 36 -19.36 -13.63 -22.57
C SER C 36 -18.74 -12.36 -22.00
N VAL C 37 -18.37 -11.46 -22.90
CA VAL C 37 -17.83 -10.18 -22.51
C VAL C 37 -18.69 -9.10 -23.11
N TYR C 38 -19.20 -8.22 -22.27
CA TYR C 38 -19.95 -7.08 -22.77
C TYR C 38 -19.40 -5.78 -22.21
N ILE C 39 -19.20 -4.82 -23.12
CA ILE C 39 -18.79 -3.47 -22.75
C ILE C 39 -19.67 -2.47 -23.51
N GLY C 40 -20.40 -1.66 -22.76
CA GLY C 40 -21.46 -0.83 -23.33
C GLY C 40 -20.94 0.42 -23.97
N ASN C 41 -21.81 1.41 -24.09
CA ASN C 41 -21.50 2.60 -24.86
C ASN C 41 -20.74 3.66 -24.07
N ASN C 42 -19.83 4.35 -24.76
CA ASN C 42 -19.14 5.51 -24.20
C ASN C 42 -18.30 5.16 -22.98
N CYS C 43 -17.76 3.95 -22.94
CA CYS C 43 -16.86 3.53 -21.89
C CYS C 43 -15.43 3.88 -22.25
N LYS C 44 -14.60 4.00 -21.23
CA LYS C 44 -13.16 4.15 -21.40
C LYS C 44 -12.51 3.10 -20.51
N ILE C 45 -12.06 2.01 -21.13
CA ILE C 45 -11.45 0.94 -20.38
C ILE C 45 -10.00 0.84 -20.79
N VAL C 46 -9.14 1.56 -20.08
CA VAL C 46 -7.77 1.79 -20.55
C VAL C 46 -6.70 1.22 -19.63
N SER C 47 -5.58 0.85 -20.25
CA SER C 47 -4.40 0.38 -19.54
C SER C 47 -4.72 -0.75 -18.57
N SER C 48 -5.66 -1.60 -18.96
CA SER C 48 -6.12 -2.65 -18.09
C SER C 48 -5.68 -4.03 -18.58
N ASN C 49 -5.64 -5.00 -17.67
CA ASN C 49 -5.28 -6.37 -18.02
C ASN C 49 -6.36 -7.30 -17.52
N ILE C 50 -7.11 -7.87 -18.45
CA ILE C 50 -8.34 -8.57 -18.12
C ILE C 50 -8.30 -9.98 -18.67
N ARG C 51 -8.39 -10.94 -17.76
CA ARG C 51 -8.25 -12.34 -18.09
C ARG C 51 -9.47 -13.15 -17.72
N LEU C 52 -10.02 -13.86 -18.71
CA LEU C 52 -11.05 -14.85 -18.47
C LEU C 52 -10.54 -16.21 -18.91
N LYS C 53 -10.35 -17.12 -17.96
CA LYS C 53 -9.86 -18.44 -18.27
C LYS C 53 -10.77 -19.48 -17.63
N GLY C 54 -11.52 -20.19 -18.49
CA GLY C 54 -12.44 -21.22 -18.01
C GLY C 54 -13.72 -21.27 -18.84
N ASN C 55 -14.77 -21.84 -18.25
CA ASN C 55 -16.03 -21.98 -18.97
C ASN C 55 -17.12 -21.16 -18.34
N ASN C 56 -18.03 -20.66 -19.16
CA ASN C 56 -19.24 -20.02 -18.66
C ASN C 56 -18.93 -18.80 -17.83
N ILE C 57 -17.96 -17.99 -18.27
CA ILE C 57 -17.57 -16.81 -17.52
C ILE C 57 -18.30 -15.58 -18.07
N THR C 58 -18.68 -14.67 -17.18
CA THR C 58 -19.37 -13.45 -17.64
C THR C 58 -18.71 -12.18 -17.16
N LEU C 59 -18.43 -11.28 -18.10
CA LEU C 59 -18.00 -9.92 -17.78
C LEU C 59 -18.97 -8.92 -18.41
N PHE C 60 -19.65 -8.16 -17.57
CA PHE C 60 -20.62 -7.18 -18.04
C PHE C 60 -20.31 -5.79 -17.49
N ILE C 61 -19.99 -4.87 -18.39
CA ILE C 61 -19.73 -3.49 -18.00
C ILE C 61 -20.71 -2.58 -18.74
N ALA C 62 -21.56 -1.88 -17.98
CA ALA C 62 -22.62 -1.07 -18.60
C ALA C 62 -22.07 0.18 -19.29
N ASP C 63 -22.98 1.11 -19.61
CA ASP C 63 -22.59 2.33 -20.32
C ASP C 63 -21.88 3.31 -19.40
N ASP C 64 -20.99 4.10 -19.98
CA ASP C 64 -20.43 5.26 -19.31
C ASP C 64 -19.55 4.84 -18.14
N VAL C 65 -18.92 3.68 -18.29
CA VAL C 65 -18.01 3.21 -17.26
C VAL C 65 -16.58 3.54 -17.66
N GLU C 66 -15.84 4.12 -16.71
CA GLU C 66 -14.45 4.46 -16.93
C GLU C 66 -13.56 3.71 -15.94
N ILE C 67 -12.58 3.03 -16.52
CA ILE C 67 -11.68 2.18 -15.77
C ILE C 67 -10.26 2.42 -16.26
N MET C 68 -9.33 2.62 -15.33
CA MET C 68 -7.93 2.84 -15.69
C MET C 68 -6.99 1.99 -14.84
N GLY C 69 -6.33 1.04 -15.47
CA GLY C 69 -5.35 0.19 -14.79
C GLY C 69 -5.98 -0.89 -13.92
N LEU C 70 -7.09 -1.47 -14.38
CA LEU C 70 -7.68 -2.60 -13.67
C LEU C 70 -6.93 -3.88 -14.01
N VAL C 71 -6.52 -4.63 -12.99
CA VAL C 71 -6.04 -5.99 -13.19
C VAL C 71 -7.13 -6.93 -12.72
N CYS C 72 -7.62 -7.77 -13.63
CA CYS C 72 -8.83 -8.56 -13.39
C CYS C 72 -8.65 -10.01 -13.85
N SER C 73 -8.92 -10.92 -12.93
CA SER C 73 -8.72 -12.34 -13.18
C SER C 73 -10.01 -13.08 -12.80
N LEU C 74 -10.64 -13.71 -13.79
CA LEU C 74 -11.87 -14.47 -13.55
C LEU C 74 -11.70 -15.92 -14.00
N HIS C 75 -12.15 -16.85 -13.16
CA HIS C 75 -12.06 -18.28 -13.48
C HIS C 75 -13.44 -18.88 -13.81
N SER C 76 -13.48 -20.19 -14.00
CA SER C 76 -14.68 -20.85 -14.51
C SER C 76 -15.92 -20.51 -13.70
N ASP C 77 -17.01 -20.24 -14.41
CA ASP C 77 -18.34 -20.06 -13.79
C ASP C 77 -18.37 -18.85 -12.87
N CYS C 78 -17.48 -17.91 -13.14
CA CYS C 78 -17.43 -16.68 -12.34
C CYS C 78 -18.02 -15.54 -13.16
N SER C 79 -18.48 -14.50 -12.48
CA SER C 79 -19.04 -13.35 -13.18
C SER C 79 -18.75 -12.04 -12.47
N LEU C 80 -18.40 -11.04 -13.28
CA LEU C 80 -18.23 -9.69 -12.80
C LEU C 80 -19.19 -8.79 -13.53
N GLN C 81 -19.90 -7.98 -12.74
CA GLN C 81 -20.91 -7.05 -13.24
C GLN C 81 -20.70 -5.65 -12.70
N ILE C 82 -20.50 -4.70 -13.60
CA ILE C 82 -20.28 -3.30 -13.23
C ILE C 82 -21.30 -2.41 -13.92
N GLN C 83 -22.12 -1.72 -13.13
CA GLN C 83 -23.26 -1.00 -13.70
C GLN C 83 -22.88 0.42 -14.12
N ALA C 84 -23.84 1.11 -14.74
CA ALA C 84 -23.58 2.33 -15.48
C ALA C 84 -22.95 3.47 -14.68
N LYS C 85 -22.04 4.19 -15.33
CA LYS C 85 -21.46 5.44 -14.80
C LYS C 85 -20.44 5.28 -13.68
N THR C 86 -20.09 4.03 -13.38
CA THR C 86 -19.10 3.76 -12.38
C THR C 86 -17.72 4.09 -12.89
N THR C 87 -16.88 4.67 -12.04
CA THR C 87 -15.52 5.02 -12.39
C THR C 87 -14.56 4.32 -11.46
N MET C 88 -13.42 3.89 -12.02
CA MET C 88 -12.46 3.08 -11.28
C MET C 88 -11.04 3.45 -11.71
N GLY C 89 -10.17 3.67 -10.73
CA GLY C 89 -8.74 3.87 -11.00
C GLY C 89 -7.97 2.54 -10.95
N ASN C 90 -6.67 2.60 -10.69
CA ASN C 90 -5.87 1.39 -10.65
C ASN C 90 -6.33 0.45 -9.55
N GLY C 91 -6.34 -0.85 -9.82
CA GLY C 91 -6.75 -1.80 -8.80
C GLY C 91 -6.87 -3.22 -9.32
N GLU C 92 -7.34 -4.10 -8.45
CA GLU C 92 -7.35 -5.53 -8.74
C GLU C 92 -8.68 -6.14 -8.31
N ILE C 93 -9.24 -6.96 -9.20
CA ILE C 93 -10.45 -7.71 -8.90
C ILE C 93 -10.17 -9.16 -9.25
N THR C 94 -10.40 -10.07 -8.31
CA THR C 94 -10.14 -11.48 -8.51
C THR C 94 -11.36 -12.28 -8.13
N ILE C 95 -11.82 -13.13 -9.05
CA ILE C 95 -12.96 -13.98 -8.79
C ILE C 95 -12.67 -15.45 -9.14
N ALA C 96 -12.84 -16.32 -8.15
CA ALA C 96 -12.70 -17.75 -8.36
C ALA C 96 -13.82 -18.50 -7.65
N GLU C 97 -13.64 -19.82 -7.57
CA GLU C 97 -14.59 -20.68 -6.89
C GLU C 97 -16.01 -20.46 -7.41
N LYS C 98 -16.13 -20.27 -8.72
CA LYS C 98 -17.41 -20.13 -9.39
C LYS C 98 -18.32 -19.07 -8.75
N GLY C 99 -17.75 -17.95 -8.32
CA GLY C 99 -18.54 -16.94 -7.64
C GLY C 99 -18.81 -15.69 -8.46
N LYS C 100 -19.26 -14.66 -7.76
CA LYS C 100 -19.72 -13.46 -8.41
C LYS C 100 -19.35 -12.24 -7.60
N ILE C 101 -18.98 -11.19 -8.32
CA ILE C 101 -18.81 -9.88 -7.74
C ILE C 101 -19.65 -8.90 -8.54
N SER C 102 -20.41 -8.07 -7.84
CA SER C 102 -21.17 -7.03 -8.51
C SER C 102 -20.94 -5.65 -7.92
N ILE C 103 -20.88 -4.68 -8.82
CA ILE C 103 -20.59 -3.28 -8.50
C ILE C 103 -21.71 -2.47 -9.11
N GLY C 104 -22.37 -1.65 -8.29
CA GLY C 104 -23.62 -1.00 -8.69
C GLY C 104 -23.42 0.25 -9.53
N LYS C 105 -24.50 1.01 -9.72
CA LYS C 105 -24.47 2.23 -10.52
C LYS C 105 -23.69 3.36 -9.86
N ASP C 106 -22.97 4.10 -10.70
CA ASP C 106 -22.36 5.36 -10.29
C ASP C 106 -21.48 5.20 -9.04
N CYS C 107 -20.67 4.16 -9.00
CA CYS C 107 -19.68 4.01 -7.95
C CYS C 107 -18.43 4.77 -8.34
N MET C 108 -17.56 5.00 -7.37
CA MET C 108 -16.32 5.71 -7.55
C MET C 108 -15.28 5.00 -6.69
N LEU C 109 -14.38 4.28 -7.37
CA LEU C 109 -13.30 3.52 -6.74
C LEU C 109 -11.95 4.19 -6.99
N ALA C 110 -11.33 4.68 -5.93
CA ALA C 110 -10.03 5.32 -6.02
C ALA C 110 -8.90 4.29 -6.21
N HIS C 111 -7.77 4.77 -6.74
CA HIS C 111 -6.60 3.91 -6.94
C HIS C 111 -6.34 3.08 -5.71
N GLY C 112 -5.96 1.82 -5.93
CA GLY C 112 -5.48 0.96 -4.86
C GLY C 112 -6.46 -0.10 -4.39
N TYR C 113 -7.64 -0.20 -5.00
CA TYR C 113 -8.65 -1.13 -4.50
C TYR C 113 -8.21 -2.58 -4.77
N GLU C 114 -8.48 -3.46 -3.82
CA GLU C 114 -8.30 -4.89 -3.98
C GLU C 114 -9.60 -5.57 -3.60
N ILE C 115 -10.20 -6.23 -4.58
CA ILE C 115 -11.52 -6.82 -4.42
C ILE C 115 -11.49 -8.28 -4.80
N ARG C 116 -11.93 -9.15 -3.90
CA ARG C 116 -11.85 -10.59 -4.15
C ARG C 116 -12.96 -11.34 -3.45
N ASN C 117 -13.48 -12.36 -4.11
CA ASN C 117 -14.50 -13.22 -3.51
C ASN C 117 -13.82 -14.44 -2.92
N THR C 118 -12.49 -14.45 -2.97
CA THR C 118 -11.74 -15.66 -2.67
C THR C 118 -10.40 -15.39 -1.99
N ASP C 119 -9.97 -16.35 -1.16
CA ASP C 119 -8.65 -16.30 -0.54
C ASP C 119 -7.60 -16.92 -1.46
N MET C 120 -8.05 -17.64 -2.49
CA MET C 120 -7.18 -18.30 -3.49
C MET C 120 -6.50 -19.57 -2.98
N HIS C 121 -6.62 -19.84 -1.69
CA HIS C 121 -5.97 -21.01 -1.11
C HIS C 121 -6.77 -21.50 0.10
N PRO C 122 -6.82 -22.82 0.29
CA PRO C 122 -7.70 -23.44 1.26
C PRO C 122 -7.19 -23.36 2.69
N ILE C 123 -8.10 -23.14 3.63
CA ILE C 123 -7.79 -23.29 5.03
C ILE C 123 -8.62 -24.45 5.58
N TYR C 124 -7.95 -25.44 6.18
CA TYR C 124 -8.65 -26.63 6.66
C TYR C 124 -8.73 -26.65 8.18
N SER C 125 -9.83 -27.17 8.70
CA SER C 125 -9.96 -27.42 10.14
C SER C 125 -9.13 -28.64 10.55
N LEU C 126 -8.41 -28.51 11.66
CA LEU C 126 -7.68 -29.64 12.23
C LEU C 126 -8.62 -30.66 12.86
N GLU C 127 -9.80 -30.20 13.26
CA GLU C 127 -10.77 -31.09 13.91
C GLU C 127 -11.26 -32.19 12.96
N ASN C 128 -11.61 -31.83 11.73
CA ASN C 128 -12.21 -32.79 10.81
C ASN C 128 -11.66 -32.72 9.37
N GLY C 129 -10.60 -31.95 9.17
CA GLY C 129 -9.94 -31.89 7.86
C GLY C 129 -10.69 -31.12 6.78
N GLU C 130 -11.85 -30.59 7.14
CA GLU C 130 -12.72 -29.95 6.16
C GLU C 130 -12.24 -28.54 5.85
N ARG C 131 -12.56 -28.07 4.63
CA ARG C 131 -12.28 -26.68 4.25
C ARG C 131 -13.29 -25.74 4.88
N ILE C 132 -12.81 -24.64 5.47
CA ILE C 132 -13.70 -23.73 6.20
C ILE C 132 -13.62 -22.28 5.72
N ASN C 133 -12.87 -22.03 4.64
CA ASN C 133 -12.78 -20.69 4.05
C ASN C 133 -13.21 -20.66 2.60
N HIS C 134 -14.34 -21.29 2.30
CA HIS C 134 -14.90 -21.27 0.96
C HIS C 134 -15.19 -19.84 0.51
N GLY C 135 -15.02 -19.61 -0.79
CA GLY C 135 -15.30 -18.30 -1.36
C GLY C 135 -16.73 -17.88 -1.14
N LYS C 136 -16.95 -16.57 -1.22
CA LYS C 136 -18.27 -16.00 -1.02
C LYS C 136 -18.40 -14.75 -1.87
N ASP C 137 -19.60 -14.50 -2.38
CA ASP C 137 -19.82 -13.43 -3.33
C ASP C 137 -19.62 -12.06 -2.71
N VAL C 138 -19.36 -11.08 -3.57
CA VAL C 138 -19.15 -9.72 -3.14
C VAL C 138 -20.15 -8.84 -3.85
N ILE C 139 -20.82 -7.99 -3.07
CA ILE C 139 -21.79 -7.06 -3.63
C ILE C 139 -21.53 -5.66 -3.16
N ILE C 140 -21.13 -4.82 -4.11
CA ILE C 140 -20.93 -3.41 -3.84
C ILE C 140 -22.12 -2.66 -4.40
N GLY C 141 -22.90 -2.05 -3.50
CA GLY C 141 -24.16 -1.40 -3.90
C GLY C 141 -23.96 -0.16 -4.77
N ASN C 142 -25.09 0.43 -5.18
CA ASN C 142 -25.08 1.65 -5.98
C ASN C 142 -24.49 2.78 -5.23
N HIS C 143 -23.78 3.63 -5.97
CA HIS C 143 -23.25 4.88 -5.46
C HIS C 143 -22.44 4.65 -4.20
N VAL C 144 -21.41 3.81 -4.35
CA VAL C 144 -20.44 3.56 -3.29
C VAL C 144 -19.13 4.17 -3.72
N TRP C 145 -18.51 4.88 -2.79
CA TRP C 145 -17.22 5.51 -3.02
C TRP C 145 -16.18 4.82 -2.15
N LEU C 146 -15.19 4.24 -2.80
CA LEU C 146 -14.06 3.64 -2.08
C LEU C 146 -12.90 4.62 -2.14
N GLY C 147 -12.44 5.04 -0.97
CA GLY C 147 -11.22 5.85 -0.90
C GLY C 147 -10.02 5.02 -1.31
N ARG C 148 -8.84 5.63 -1.23
CA ARG C 148 -7.60 5.03 -1.64
C ARG C 148 -7.31 3.71 -0.93
N ASN C 149 -6.79 2.76 -1.69
CA ASN C 149 -6.22 1.57 -1.10
C ASN C 149 -7.16 0.86 -0.18
N VAL C 150 -8.38 0.65 -0.63
CA VAL C 150 -9.38 -0.08 0.15
C VAL C 150 -9.39 -1.54 -0.30
N THR C 151 -9.53 -2.43 0.67
CA THR C 151 -9.52 -3.86 0.41
C THR C 151 -10.88 -4.43 0.76
N ILE C 152 -11.48 -5.15 -0.18
CA ILE C 152 -12.77 -5.83 0.05
C ILE C 152 -12.60 -7.34 -0.10
N LEU C 153 -12.82 -8.08 0.99
CA LEU C 153 -12.63 -9.52 0.97
C LEU C 153 -13.95 -10.26 0.82
N LYS C 154 -13.86 -11.59 0.79
CA LYS C 154 -14.96 -12.43 0.37
C LYS C 154 -16.20 -12.22 1.24
N GLY C 155 -17.36 -12.29 0.60
CA GLY C 155 -18.64 -12.24 1.31
C GLY C 155 -19.12 -10.84 1.67
N VAL C 156 -18.28 -9.85 1.41
CA VAL C 156 -18.64 -8.49 1.78
C VAL C 156 -19.73 -7.88 0.91
N CYS C 157 -20.78 -7.39 1.55
CA CYS C 157 -21.83 -6.63 0.89
C CYS C 157 -21.83 -5.20 1.42
N ILE C 158 -21.76 -4.23 0.50
CA ILE C 158 -21.79 -2.83 0.87
C ILE C 158 -23.10 -2.17 0.43
N PRO C 159 -23.84 -1.60 1.39
CA PRO C 159 -25.10 -0.92 1.09
C PRO C 159 -24.92 0.27 0.13
N ASN C 160 -26.02 0.74 -0.44
CA ASN C 160 -26.05 1.91 -1.31
C ASN C 160 -25.57 3.17 -0.61
N ASN C 161 -25.01 4.10 -1.38
CA ASN C 161 -24.60 5.42 -0.89
C ASN C 161 -23.75 5.32 0.36
N VAL C 162 -22.57 4.74 0.20
CA VAL C 162 -21.63 4.56 1.30
C VAL C 162 -20.27 5.01 0.86
N VAL C 163 -19.54 5.63 1.78
CA VAL C 163 -18.16 5.98 1.55
C VAL C 163 -17.29 5.11 2.44
N VAL C 164 -16.29 4.44 1.86
CA VAL C 164 -15.33 3.70 2.66
C VAL C 164 -14.02 4.48 2.74
N GLY C 165 -13.55 4.71 3.95
CA GLY C 165 -12.42 5.57 4.18
C GLY C 165 -11.13 4.97 3.69
N SER C 166 -10.20 5.86 3.39
CA SER C 166 -8.86 5.50 2.90
C SER C 166 -8.21 4.36 3.71
N HIS C 167 -7.66 3.37 3.01
CA HIS C 167 -6.95 2.23 3.62
C HIS C 167 -7.78 1.33 4.51
N THR C 168 -9.11 1.35 4.35
CA THR C 168 -9.97 0.45 5.11
C THR C 168 -9.98 -0.95 4.50
N VAL C 169 -9.94 -1.95 5.37
CA VAL C 169 -10.11 -3.35 4.99
C VAL C 169 -11.49 -3.82 5.43
N LEU C 170 -12.34 -4.23 4.48
CA LEU C 170 -13.66 -4.77 4.85
C LEU C 170 -13.63 -6.31 4.80
N TYR C 171 -13.91 -6.94 5.94
CA TYR C 171 -13.90 -8.41 6.00
C TYR C 171 -15.30 -8.95 6.29
N LYS C 172 -16.22 -8.06 6.65
CA LYS C 172 -17.62 -8.44 6.77
C LYS C 172 -18.58 -7.34 6.30
N SER C 173 -19.83 -7.75 6.12
CA SER C 173 -20.85 -6.91 5.50
C SER C 173 -21.39 -5.87 6.45
N PHE C 174 -21.96 -4.82 5.86
CA PHE C 174 -22.67 -3.77 6.58
C PHE C 174 -24.10 -3.70 6.03
N LYS C 175 -25.01 -3.14 6.81
CA LYS C 175 -26.42 -3.05 6.38
C LYS C 175 -26.89 -1.60 6.29
N GLU C 176 -26.25 -0.70 7.01
CA GLU C 176 -26.69 0.70 7.06
C GLU C 176 -26.27 1.50 5.82
N PRO C 177 -27.25 2.06 5.10
CA PRO C 177 -26.90 2.93 3.97
C PRO C 177 -26.58 4.36 4.40
N ASN C 178 -26.13 5.19 3.47
CA ASN C 178 -25.96 6.62 3.72
C ASN C 178 -24.96 6.90 4.82
N CYS C 179 -23.85 6.16 4.83
CA CYS C 179 -22.88 6.33 5.91
C CYS C 179 -21.42 6.27 5.46
N VAL C 180 -20.53 6.68 6.36
CA VAL C 180 -19.09 6.52 6.14
C VAL C 180 -18.58 5.37 7.00
N ILE C 181 -17.86 4.45 6.38
CA ILE C 181 -17.24 3.32 7.08
C ILE C 181 -15.72 3.47 7.00
N ALA C 182 -15.04 3.33 8.13
CA ALA C 182 -13.60 3.51 8.19
C ALA C 182 -13.01 2.87 9.43
N GLY C 183 -11.69 2.76 9.43
CA GLY C 183 -10.96 2.32 10.60
C GLY C 183 -10.69 0.83 10.59
N SER C 184 -10.13 0.35 11.68
CA SER C 184 -9.82 -1.06 11.84
C SER C 184 -9.97 -1.43 13.32
N PRO C 185 -10.97 -2.25 13.63
CA PRO C 185 -11.82 -2.84 12.61
C PRO C 185 -12.80 -1.86 11.96
N ALA C 186 -13.12 -2.09 10.70
CA ALA C 186 -14.03 -1.27 9.93
C ALA C 186 -15.36 -1.06 10.66
N LYS C 187 -15.73 0.19 10.87
CA LYS C 187 -17.00 0.49 11.50
C LYS C 187 -17.59 1.78 10.94
N ILE C 188 -18.91 1.91 11.09
CA ILE C 188 -19.61 3.11 10.71
C ILE C 188 -19.08 4.24 11.57
N VAL C 189 -18.55 5.29 10.95
CA VAL C 189 -18.02 6.41 11.73
C VAL C 189 -18.86 7.66 11.53
N LYS C 190 -19.74 7.65 10.53
CA LYS C 190 -20.65 8.76 10.29
C LYS C 190 -21.92 8.27 9.57
N GLU C 191 -23.06 8.83 9.96
CA GLU C 191 -24.34 8.42 9.42
C GLU C 191 -25.08 9.59 8.76
N ASN C 192 -26.05 9.27 7.92
CA ASN C 192 -26.93 10.27 7.33
C ASN C 192 -26.22 11.23 6.42
N ILE C 193 -25.47 10.68 5.47
CA ILE C 193 -24.76 11.47 4.51
C ILE C 193 -25.05 11.00 3.08
N VAL C 194 -24.64 11.83 2.13
CA VAL C 194 -24.64 11.44 0.72
C VAL C 194 -23.40 12.10 0.12
N TRP C 195 -22.70 11.35 -0.73
CA TRP C 195 -21.51 11.86 -1.36
C TRP C 195 -21.78 12.22 -2.82
N GLY C 196 -20.96 13.12 -3.35
CA GLY C 196 -21.05 13.53 -4.75
C GLY C 196 -19.66 13.60 -5.35
N ARG C 197 -19.60 13.84 -6.66
CA ARG C 197 -18.33 13.86 -7.39
C ARG C 197 -17.66 15.22 -7.43
N LYS C 198 -18.46 16.29 -7.37
CA LYS C 198 -17.99 17.62 -7.72
C LYS C 198 -17.95 18.58 -6.54
N MET C 199 -16.74 19.00 -6.19
CA MET C 199 -16.53 19.91 -5.05
C MET C 199 -17.07 21.31 -5.28
N TYR C 200 -17.26 21.69 -6.54
CA TYR C 200 -17.68 23.04 -6.87
C TYR C 200 -19.13 23.33 -6.50
N HIS C 201 -19.96 22.29 -6.35
CA HIS C 201 -21.34 22.48 -5.93
C HIS C 201 -21.47 22.94 -4.47
N SER C 202 -22.41 23.85 -4.23
CA SER C 202 -22.63 24.36 -2.87
C SER C 202 -23.25 23.30 -1.96
N THR C 203 -24.27 22.61 -2.47
CA THR C 203 -25.08 21.70 -1.66
C THR C 203 -25.45 20.46 -2.46
N MET C 204 -25.99 19.44 -1.80
CA MET C 204 -26.42 18.22 -2.50
C MET C 204 -27.53 18.51 -3.49
N TYR C 205 -28.35 19.52 -3.17
CA TYR C 205 -29.48 19.89 -4.02
C TYR C 205 -29.03 20.38 -5.39
N ASP C 206 -27.80 20.88 -5.45
CA ASP C 206 -27.22 21.38 -6.69
C ASP C 206 -26.77 20.28 -7.64
N ASP C 207 -26.73 19.04 -7.14
CA ASP C 207 -26.24 17.91 -7.91
C ASP C 207 -27.41 17.01 -8.30
N PRO C 208 -27.87 17.13 -9.54
CA PRO C 208 -29.06 16.38 -9.93
C PRO C 208 -28.88 14.87 -9.78
N THR C 209 -27.65 14.37 -9.80
CA THR C 209 -27.47 12.91 -9.71
C THR C 209 -27.78 12.39 -8.31
N LEU C 210 -27.99 13.28 -7.35
CA LEU C 210 -28.14 12.86 -5.96
C LEU C 210 -29.60 12.88 -5.50
N ASN C 211 -30.48 13.42 -6.35
CA ASN C 211 -31.90 13.51 -6.01
C ASN C 211 -32.44 12.22 -5.39
N GLU C 212 -32.16 11.09 -6.01
CA GLU C 212 -32.72 9.82 -5.53
C GLU C 212 -32.32 9.39 -4.10
N PHE C 213 -31.28 9.99 -3.51
CA PHE C 213 -30.78 9.56 -2.20
C PHE C 213 -31.29 10.36 -1.00
N TYR C 214 -32.01 11.45 -1.27
CA TYR C 214 -32.63 12.20 -0.19
C TYR C 214 -34.10 12.41 -0.50
N LYS C 215 -34.50 12.01 -1.71
CA LYS C 215 -35.90 12.08 -2.13
C LYS C 215 -36.17 13.35 -2.95
#